data_3RX7
#
_entry.id   3RX7
#
_cell.length_a   85.220
_cell.length_b   129.090
_cell.length_c   49.190
_cell.angle_alpha   90.00
_cell.angle_beta   90.00
_cell.angle_gamma   90.00
#
_symmetry.space_group_name_H-M   'P 21 21 2'
#
loop_
_entity.id
_entity.type
_entity.pdbx_description
1 polymer Cellulase
2 non-polymer 'CALCIUM ION'
3 non-polymer 'ZINC ION'
4 non-polymer '(3R,4R,5R)-3-hydroxy-5-(hydroxymethyl)piperidin-4-yl beta-D-glucopyranosyl-(1->4)-beta-D-glucopyranosyl-(1->4)-beta-D-glucopyranoside'
5 non-polymer '(3R,4R,5R)-3-hydroxy-5-(hydroxymethyl)piperidin-4-yl beta-D-glucopyranoside'
6 water water
#
_entity_poly.entity_id   1
_entity_poly.type   'polypeptide(L)'
_entity_poly.pdbx_seq_one_letter_code
;MPSRVPKSIFYNQVGYLISGDKRFWIQAHEPQPFALRTPEGQAVFAGMTKPVGGNWYVGDFTALRVPGTYTLTVGTLEAR
VVIHRRAYRDVLEAMLRFFDYQLCGVVLPEDEAGPWAHGACHTSDAKVFGTERALACPGGWHDAGDYGKYTVPAAKAVAD
LLLAHEYFPAALAHVRPMRSVHRAPHLPPALEVAREEIAWLLTMQDPATGGVYHKVTTPSFPPLDTRPEDDDAPLVLSPI
SYAATATFCAAMAHAALVYRPFDPALSSCCADAARRAYAWLGAHEMQPFHNPDGILTGEYGDAELRDELLWASCALLRMT
GDSAWARVCEPLLDLDLPWELGWADVALYGVMDYLRTPRAAVSDDVRNKVKSRLLRELDALAAMAESHPFGIPMRDDDFI
WGSNMVLLNRAMAFLLAEGVGVLHPAAHTVAQRAADYLFGANPLGQCYVTGFGQRPVRHPHHRPSVADDVDHPVPGMVVG
GPNRHLQDEIARAQLAGRPAMEAYIDHQDSYSTNEVAVYWNSPAVFVIAALLEARGR
;
_entity_poly.pdbx_strand_id   A
#
loop_
_chem_comp.id
_chem_comp.type
_chem_comp.name
_chem_comp.formula
9MR D-saccharide '(3R,4R,5R)-3-hydroxy-5-(hydroxymethyl)piperidin-4-yl beta-D-glucopyranoside' 'C12 H23 N O8'
CA non-polymer 'CALCIUM ION' 'Ca 2'
G3I saccharide '(3R,4R,5R)-3-hydroxy-5-(hydroxymethyl)piperidin-4-yl beta-D-glucopyranosyl-(1->4)-beta-D-glucopyranosyl-(1->4)-beta-D-glucopyranoside' 'C24 H43 N O18'
ZN non-polymer 'ZINC ION' 'Zn 2'
#
# COMPACT_ATOMS: atom_id res chain seq x y z
N VAL A 5 9.12 -18.38 -16.14
CA VAL A 5 7.96 -19.21 -15.79
C VAL A 5 8.39 -20.63 -15.37
N PRO A 6 8.20 -21.03 -14.09
CA PRO A 6 8.55 -22.40 -13.70
C PRO A 6 7.48 -23.42 -14.11
N LYS A 7 7.88 -24.70 -14.24
CA LYS A 7 6.96 -25.79 -14.59
C LYS A 7 6.53 -26.43 -13.27
N SER A 8 5.64 -25.73 -12.56
CA SER A 8 5.15 -26.17 -11.26
C SER A 8 3.68 -25.77 -11.02
N ILE A 9 3.26 -25.98 -9.78
CA ILE A 9 1.95 -25.61 -9.31
C ILE A 9 2.09 -24.13 -8.87
N PHE A 10 1.08 -23.30 -9.17
CA PHE A 10 1.07 -21.88 -8.79
C PHE A 10 -0.01 -21.77 -7.73
N TYR A 11 0.36 -21.31 -6.54
CA TYR A 11 -0.54 -21.27 -5.40
C TYR A 11 -0.16 -20.14 -4.43
N ASN A 12 -0.99 -19.96 -3.38
CA ASN A 12 -0.76 -18.99 -2.33
C ASN A 12 0.26 -19.62 -1.38
N GLN A 13 1.50 -19.16 -1.48
CA GLN A 13 2.64 -19.67 -0.76
C GLN A 13 2.67 -19.30 0.71
N VAL A 14 1.84 -18.32 1.14
CA VAL A 14 1.75 -17.99 2.56
C VAL A 14 0.75 -18.97 3.17
N GLY A 15 -0.37 -19.15 2.52
CA GLY A 15 -1.37 -20.07 3.05
C GLY A 15 -2.77 -19.73 2.64
N TYR A 16 -3.72 -20.48 3.22
CA TYR A 16 -5.16 -20.38 2.93
C TYR A 16 -5.91 -20.38 4.24
N LEU A 17 -7.01 -19.64 4.30
CA LEU A 17 -7.80 -19.59 5.52
C LEU A 17 -8.74 -20.76 5.53
N ILE A 18 -9.05 -21.32 6.72
CA ILE A 18 -10.00 -22.43 6.91
C ILE A 18 -11.31 -22.14 6.15
N SER A 19 -11.87 -20.94 6.38
CA SER A 19 -13.14 -20.51 5.80
C SER A 19 -13.01 -19.77 4.44
N GLY A 20 -11.79 -19.59 3.97
CA GLY A 20 -11.58 -18.85 2.74
C GLY A 20 -11.62 -19.67 1.47
N ASP A 21 -11.56 -18.97 0.32
CA ASP A 21 -11.52 -19.62 -1.00
C ASP A 21 -10.11 -20.17 -1.21
N LYS A 22 -10.03 -21.41 -1.75
CA LYS A 22 -8.75 -22.09 -1.92
C LYS A 22 -8.58 -22.51 -3.37
N ARG A 23 -7.57 -21.93 -4.03
CA ARG A 23 -7.31 -22.19 -5.44
C ARG A 23 -5.82 -22.30 -5.73
N PHE A 24 -5.51 -23.16 -6.71
CA PHE A 24 -4.19 -23.38 -7.28
C PHE A 24 -4.29 -23.29 -8.82
N TRP A 25 -3.18 -23.01 -9.50
CA TRP A 25 -3.14 -22.88 -10.94
C TRP A 25 -2.02 -23.75 -11.50
N ILE A 26 -2.20 -24.23 -12.72
CA ILE A 26 -1.21 -25.01 -13.44
C ILE A 26 -1.38 -24.68 -14.89
N GLN A 27 -0.26 -24.60 -15.63
CA GLN A 27 -0.32 -24.43 -17.09
C GLN A 27 -0.62 -25.84 -17.57
N ALA A 28 -1.75 -26.01 -18.28
CA ALA A 28 -2.18 -27.32 -18.72
C ALA A 28 -2.86 -27.28 -20.06
N HIS A 29 -3.06 -28.48 -20.62
CA HIS A 29 -3.64 -28.78 -21.91
C HIS A 29 -5.13 -29.19 -21.84
N GLU A 30 -5.53 -29.78 -20.69
CA GLU A 30 -6.84 -30.37 -20.44
C GLU A 30 -7.06 -30.57 -18.94
N PRO A 31 -8.29 -30.94 -18.48
CA PRO A 31 -8.51 -31.19 -17.05
C PRO A 31 -7.69 -32.38 -16.57
N GLN A 32 -7.17 -32.29 -15.36
CA GLN A 32 -6.37 -33.32 -14.70
C GLN A 32 -6.92 -33.54 -13.31
N PRO A 33 -6.93 -34.77 -12.79
CA PRO A 33 -7.31 -34.96 -11.38
C PRO A 33 -6.22 -34.41 -10.45
N PHE A 34 -6.60 -34.01 -9.24
CA PHE A 34 -5.66 -33.51 -8.26
C PHE A 34 -6.08 -34.02 -6.90
N ALA A 35 -5.12 -34.09 -5.97
CA ALA A 35 -5.41 -34.55 -4.62
C ALA A 35 -4.66 -33.72 -3.60
N LEU A 36 -5.24 -33.61 -2.40
CA LEU A 36 -4.60 -32.98 -1.26
C LEU A 36 -4.41 -34.05 -0.22
N ARG A 37 -3.19 -34.17 0.27
CA ARG A 37 -2.82 -35.22 1.20
C ARG A 37 -2.16 -34.68 2.44
N THR A 38 -2.32 -35.39 3.57
CA THR A 38 -1.66 -35.12 4.84
C THR A 38 -0.14 -35.34 4.66
N PRO A 39 0.77 -34.86 5.55
CA PRO A 39 2.21 -35.08 5.32
C PRO A 39 2.65 -36.56 5.27
N GLU A 40 1.77 -37.49 5.70
CA GLU A 40 2.00 -38.93 5.63
C GLU A 40 1.71 -39.47 4.21
N GLY A 41 0.74 -38.85 3.53
CA GLY A 41 0.37 -39.19 2.17
C GLY A 41 -1.09 -39.51 1.91
N GLN A 42 -1.89 -39.69 2.98
CA GLN A 42 -3.33 -39.99 2.87
C GLN A 42 -4.11 -38.83 2.23
N ALA A 43 -4.87 -39.16 1.17
CA ALA A 43 -5.71 -38.20 0.47
C ALA A 43 -6.85 -37.77 1.37
N VAL A 44 -7.12 -36.45 1.42
CA VAL A 44 -8.20 -35.87 2.22
C VAL A 44 -9.19 -35.18 1.27
N PHE A 45 -8.70 -34.74 0.11
CA PHE A 45 -9.55 -34.06 -0.90
C PHE A 45 -9.13 -34.48 -2.29
N ALA A 46 -10.09 -34.54 -3.22
CA ALA A 46 -9.84 -34.85 -4.63
C ALA A 46 -10.80 -34.05 -5.51
N GLY A 47 -10.29 -33.58 -6.65
CA GLY A 47 -11.09 -32.83 -7.61
C GLY A 47 -10.49 -32.84 -8.99
N MET A 48 -11.13 -32.13 -9.92
CA MET A 48 -10.65 -32.03 -11.31
C MET A 48 -10.33 -30.59 -11.59
N THR A 49 -9.20 -30.32 -12.27
CA THR A 49 -8.84 -28.95 -12.69
C THR A 49 -9.84 -28.50 -13.78
N LYS A 50 -10.05 -27.18 -13.91
CA LYS A 50 -10.97 -26.64 -14.90
C LYS A 50 -10.34 -25.48 -15.66
N PRO A 51 -10.65 -25.30 -16.97
CA PRO A 51 -9.96 -24.23 -17.73
C PRO A 51 -10.37 -22.82 -17.32
N VAL A 52 -9.45 -21.85 -17.43
CA VAL A 52 -9.71 -20.43 -17.12
C VAL A 52 -9.11 -19.48 -18.16
N GLY A 53 -8.55 -20.04 -19.24
CA GLY A 53 -7.99 -19.23 -20.31
C GLY A 53 -6.49 -19.05 -20.29
N GLY A 54 -5.95 -18.63 -21.44
CA GLY A 54 -4.54 -18.37 -21.71
C GLY A 54 -3.51 -19.36 -21.19
N ASN A 55 -3.72 -20.70 -21.39
CA ASN A 55 -2.87 -21.84 -20.94
C ASN A 55 -3.17 -22.32 -19.50
N TRP A 56 -3.98 -21.55 -18.77
CA TRP A 56 -4.25 -21.82 -17.37
C TRP A 56 -5.42 -22.69 -17.02
N TYR A 57 -5.22 -23.54 -16.02
CA TYR A 57 -6.21 -24.40 -15.40
C TYR A 57 -6.14 -24.15 -13.90
N VAL A 58 -7.28 -24.25 -13.23
CA VAL A 58 -7.40 -24.05 -11.79
C VAL A 58 -8.01 -25.25 -11.13
N GLY A 59 -7.66 -25.45 -9.87
CA GLY A 59 -8.23 -26.48 -9.02
C GLY A 59 -8.74 -25.81 -7.77
N ASP A 60 -10.00 -26.06 -7.42
CA ASP A 60 -10.62 -25.45 -6.26
C ASP A 60 -10.75 -26.45 -5.11
N PHE A 61 -10.09 -26.18 -3.98
CA PHE A 61 -10.14 -27.05 -2.80
C PHE A 61 -10.71 -26.33 -1.57
N THR A 62 -11.64 -25.38 -1.81
CA THR A 62 -12.29 -24.56 -0.77
C THR A 62 -12.91 -25.39 0.39
N ALA A 63 -13.54 -26.56 0.06
CA ALA A 63 -14.22 -27.44 1.01
C ALA A 63 -13.35 -28.16 2.01
N LEU A 64 -12.03 -28.19 1.79
CA LEU A 64 -11.09 -28.74 2.77
C LEU A 64 -11.02 -27.68 3.85
N ARG A 65 -11.57 -28.00 5.04
CA ARG A 65 -11.66 -27.04 6.14
C ARG A 65 -10.81 -27.43 7.34
N VAL A 66 -10.13 -28.58 7.28
CA VAL A 66 -9.29 -29.01 8.38
C VAL A 66 -7.92 -28.33 8.27
N PRO A 67 -7.48 -27.59 9.32
CA PRO A 67 -6.16 -26.94 9.23
C PRO A 67 -5.01 -27.93 9.27
N GLY A 68 -3.94 -27.61 8.56
CA GLY A 68 -2.72 -28.39 8.49
C GLY A 68 -1.87 -28.01 7.31
N THR A 69 -0.80 -28.77 7.10
CA THR A 69 0.12 -28.64 5.98
C THR A 69 -0.21 -29.83 5.07
N TYR A 70 -0.55 -29.54 3.81
CA TYR A 70 -0.97 -30.56 2.85
C TYR A 70 -0.09 -30.63 1.65
N THR A 71 0.05 -31.83 1.10
CA THR A 71 0.79 -32.05 -0.13
C THR A 71 -0.29 -32.03 -1.23
N LEU A 72 -0.19 -31.06 -2.10
CA LEU A 72 -1.09 -30.94 -3.22
C LEU A 72 -0.38 -31.62 -4.39
N THR A 73 -1.05 -32.59 -4.99
CA THR A 73 -0.49 -33.34 -6.13
C THR A 73 -1.38 -33.17 -7.32
N VAL A 74 -0.77 -32.89 -8.49
CA VAL A 74 -1.44 -32.76 -9.80
C VAL A 74 -0.42 -33.27 -10.82
N GLY A 75 -0.83 -34.25 -11.64
CA GLY A 75 0.08 -34.89 -12.59
C GLY A 75 1.31 -35.40 -11.86
N THR A 76 2.50 -34.98 -12.30
CA THR A 76 3.75 -35.37 -11.63
C THR A 76 4.26 -34.24 -10.71
N LEU A 77 3.42 -33.24 -10.45
CA LEU A 77 3.84 -32.12 -9.62
C LEU A 77 3.37 -32.20 -8.20
N GLU A 78 4.14 -31.62 -7.29
CA GLU A 78 3.80 -31.60 -5.87
C GLU A 78 4.04 -30.20 -5.31
N ALA A 79 3.21 -29.79 -4.36
CA ALA A 79 3.36 -28.51 -3.67
C ALA A 79 2.88 -28.62 -2.24
N ARG A 80 3.51 -27.88 -1.34
CA ARG A 80 3.08 -27.87 0.04
C ARG A 80 2.23 -26.64 0.29
N VAL A 81 0.97 -26.87 0.69
CA VAL A 81 0.02 -25.79 0.97
C VAL A 81 -0.34 -25.78 2.45
N VAL A 82 -0.64 -24.59 3.01
CA VAL A 82 -1.02 -24.49 4.42
C VAL A 82 -2.41 -23.91 4.60
N ILE A 83 -3.20 -24.58 5.42
CA ILE A 83 -4.55 -24.14 5.76
C ILE A 83 -4.53 -23.88 7.26
N HIS A 84 -4.95 -22.66 7.64
CA HIS A 84 -4.92 -22.23 9.02
C HIS A 84 -5.99 -21.17 9.29
N ARG A 85 -6.51 -21.15 10.53
CA ARG A 85 -7.46 -20.19 11.11
C ARG A 85 -7.10 -18.75 10.70
N ARG A 86 -5.82 -18.38 10.92
CA ARG A 86 -5.32 -17.03 10.65
C ARG A 86 -4.02 -17.13 9.90
N ALA A 87 -4.10 -17.75 8.70
CA ALA A 87 -2.95 -17.99 7.82
C ALA A 87 -2.10 -16.74 7.56
N TYR A 88 -2.75 -15.58 7.51
CA TYR A 88 -2.08 -14.33 7.18
C TYR A 88 -1.65 -13.48 8.36
N ARG A 89 -1.76 -14.00 9.61
CA ARG A 89 -1.35 -13.23 10.80
C ARG A 89 0.15 -12.80 10.73
N ASP A 90 1.09 -13.75 10.50
CA ASP A 90 2.54 -13.48 10.44
C ASP A 90 2.90 -12.47 9.34
N VAL A 91 2.37 -12.66 8.11
CA VAL A 91 2.69 -11.75 7.00
C VAL A 91 2.13 -10.36 7.27
N LEU A 92 0.91 -10.26 7.85
CA LEU A 92 0.27 -8.97 8.17
C LEU A 92 1.13 -8.23 9.20
N GLU A 93 1.61 -8.96 10.22
CA GLU A 93 2.49 -8.37 11.23
C GLU A 93 3.79 -7.85 10.58
N ALA A 94 4.43 -8.65 9.74
CA ALA A 94 5.65 -8.23 9.01
C ALA A 94 5.39 -7.00 8.11
N MET A 95 4.23 -6.96 7.41
CA MET A 95 3.87 -5.83 6.53
C MET A 95 3.69 -4.55 7.35
N LEU A 96 3.16 -4.67 8.59
CA LEU A 96 3.00 -3.48 9.42
C LEU A 96 4.37 -3.10 10.07
N ARG A 97 5.21 -4.09 10.41
CA ARG A 97 6.54 -3.86 10.99
C ARG A 97 7.50 -3.20 10.00
N PHE A 98 7.24 -3.37 8.68
CA PHE A 98 7.99 -2.69 7.64
C PHE A 98 8.02 -1.16 7.87
N PHE A 99 6.88 -0.57 8.29
CA PHE A 99 6.83 0.88 8.55
C PHE A 99 7.82 1.29 9.65
N ASP A 100 7.89 0.48 10.74
CA ASP A 100 8.88 0.71 11.79
C ASP A 100 10.34 0.52 11.33
N TYR A 101 10.60 -0.46 10.46
CA TYR A 101 11.91 -0.69 9.85
C TYR A 101 12.31 0.50 8.99
N GLN A 102 11.33 1.24 8.44
CA GLN A 102 11.56 2.44 7.61
C GLN A 102 11.75 3.69 8.45
N LEU A 103 11.56 3.60 9.80
CA LEU A 103 11.68 4.78 10.67
C LEU A 103 13.00 5.54 10.50
N CYS A 104 12.89 6.88 10.41
CA CYS A 104 14.05 7.77 10.23
C CYS A 104 14.30 8.54 11.52
N GLY A 105 15.56 8.75 11.88
CA GLY A 105 15.94 9.54 13.07
C GLY A 105 15.68 8.89 14.40
N VAL A 106 15.48 7.56 14.38
CA VAL A 106 15.08 6.76 15.55
C VAL A 106 16.02 5.58 15.69
N VAL A 107 16.45 5.30 16.94
CA VAL A 107 17.27 4.11 17.16
C VAL A 107 16.33 2.90 17.04
N LEU A 108 16.69 1.94 16.21
CA LEU A 108 15.97 0.69 16.07
C LEU A 108 16.85 -0.36 16.77
N PRO A 109 16.48 -0.80 17.98
CA PRO A 109 17.36 -1.75 18.71
C PRO A 109 17.29 -3.18 18.17
N GLU A 110 18.33 -3.99 18.44
CA GLU A 110 18.40 -5.38 18.00
C GLU A 110 17.26 -6.23 18.57
N ASP A 111 16.80 -5.94 19.80
CA ASP A 111 15.73 -6.78 20.35
C ASP A 111 14.41 -6.67 19.56
N GLU A 112 14.23 -5.55 18.80
CA GLU A 112 13.06 -5.37 17.97
C GLU A 112 13.32 -5.64 16.51
N ALA A 113 14.42 -5.09 15.97
CA ALA A 113 14.74 -5.11 14.54
C ALA A 113 15.64 -6.27 14.08
N GLY A 114 16.21 -7.01 15.04
CA GLY A 114 17.11 -8.11 14.75
C GLY A 114 18.32 -7.66 13.92
N PRO A 115 18.71 -8.45 12.90
CA PRO A 115 19.89 -8.07 12.08
C PRO A 115 19.80 -6.77 11.28
N TRP A 116 18.57 -6.23 11.09
CA TRP A 116 18.35 -4.99 10.36
C TRP A 116 18.27 -3.78 11.29
N ALA A 117 18.83 -3.90 12.52
CA ALA A 117 18.90 -2.83 13.50
C ALA A 117 19.91 -1.76 13.05
N HIS A 118 19.77 -0.51 13.57
CA HIS A 118 20.63 0.63 13.25
C HIS A 118 20.35 1.80 14.16
N GLY A 119 21.32 2.72 14.24
CA GLY A 119 21.22 3.93 15.03
C GLY A 119 20.44 5.00 14.28
N ALA A 120 20.12 6.10 14.97
CA ALA A 120 19.35 7.22 14.42
C ALA A 120 20.01 7.84 13.16
N CYS A 121 19.24 7.94 12.08
CA CYS A 121 19.74 8.46 10.80
C CYS A 121 19.13 9.80 10.48
N HIS A 122 19.81 10.57 9.60
CA HIS A 122 19.34 11.86 9.09
C HIS A 122 18.92 12.78 10.22
N THR A 123 19.76 12.88 11.26
CA THR A 123 19.49 13.68 12.46
C THR A 123 19.63 15.18 12.28
N SER A 124 20.30 15.62 11.21
CA SER A 124 20.53 17.04 10.93
C SER A 124 19.27 17.80 10.49
N ASP A 125 19.27 19.12 10.69
CA ASP A 125 18.18 19.99 10.26
C ASP A 125 18.29 20.15 8.76
N ALA A 126 17.15 20.29 8.11
CA ALA A 126 17.08 20.46 6.67
C ALA A 126 17.10 21.93 6.31
N LYS A 127 17.71 22.27 5.18
CA LYS A 127 17.71 23.66 4.72
C LYS A 127 16.56 23.86 3.76
N VAL A 128 15.82 24.95 3.92
CA VAL A 128 14.71 25.28 3.01
C VAL A 128 15.36 25.69 1.66
N PHE A 129 14.94 25.05 0.56
CA PHE A 129 15.49 25.33 -0.77
C PHE A 129 15.62 26.84 -1.08
N GLY A 130 16.81 27.23 -1.56
CA GLY A 130 17.15 28.60 -1.96
C GLY A 130 17.23 29.64 -0.84
N THR A 131 17.38 29.18 0.42
CA THR A 131 17.48 30.04 1.60
C THR A 131 18.55 29.44 2.52
N GLU A 132 18.86 30.13 3.62
CA GLU A 132 19.81 29.65 4.63
C GLU A 132 19.01 29.23 5.87
N ARG A 133 17.68 29.25 5.76
CA ARG A 133 16.78 28.88 6.85
C ARG A 133 16.82 27.37 7.03
N ALA A 134 17.20 26.94 8.24
CA ALA A 134 17.29 25.54 8.62
C ALA A 134 16.00 25.17 9.34
N LEU A 135 15.61 23.91 9.24
CA LEU A 135 14.37 23.44 9.86
C LEU A 135 14.52 22.01 10.34
N ALA A 136 14.01 21.73 11.54
CA ALA A 136 14.06 20.38 12.07
C ALA A 136 12.79 19.65 11.61
N CYS A 137 12.97 18.55 10.88
CA CYS A 137 11.87 17.70 10.46
C CYS A 137 12.32 16.23 10.60
N PRO A 138 12.65 15.80 11.85
CA PRO A 138 13.06 14.39 12.05
C PRO A 138 11.83 13.47 12.06
N GLY A 139 12.09 12.16 12.05
CA GLY A 139 11.05 11.16 12.18
C GLY A 139 10.39 10.80 10.88
N GLY A 140 9.31 10.07 11.00
CA GLY A 140 8.57 9.60 9.85
C GLY A 140 9.26 8.44 9.20
N TRP A 141 8.95 8.20 7.93
CA TRP A 141 9.48 7.02 7.26
C TRP A 141 10.31 7.36 6.06
N HIS A 142 11.31 6.52 5.81
CA HIS A 142 12.04 6.54 4.56
C HIS A 142 10.95 6.02 3.60
N ASP A 143 10.78 6.70 2.51
CA ASP A 143 9.73 6.41 1.55
C ASP A 143 9.75 5.01 0.98
N ALA A 144 10.90 4.56 0.52
CA ALA A 144 11.00 3.34 -0.24
C ALA A 144 12.38 2.70 -0.10
N GLY A 145 13.06 2.49 -1.22
CA GLY A 145 14.43 1.98 -1.27
C GLY A 145 15.42 3.10 -1.02
N ASP A 146 14.96 4.36 -1.08
CA ASP A 146 15.78 5.55 -0.82
C ASP A 146 15.40 6.14 0.56
N TYR A 147 16.09 7.20 0.97
CA TYR A 147 15.92 7.81 2.28
C TYR A 147 15.12 9.09 2.32
N GLY A 148 14.60 9.52 1.18
CA GLY A 148 13.76 10.71 1.13
C GLY A 148 12.44 10.54 1.85
N LYS A 149 11.87 11.65 2.33
CA LYS A 149 10.58 11.63 3.03
C LYS A 149 9.68 12.59 2.26
N TYR A 150 8.75 12.02 1.52
CA TYR A 150 7.90 12.80 0.61
C TYR A 150 6.47 12.85 1.10
N THR A 151 5.95 14.07 1.22
CA THR A 151 4.61 14.38 1.71
C THR A 151 3.48 13.68 0.99
N VAL A 152 3.43 13.80 -0.34
CA VAL A 152 2.32 13.27 -1.14
C VAL A 152 2.10 11.78 -0.92
N PRO A 153 3.11 10.89 -1.17
CA PRO A 153 2.88 9.45 -0.93
C PRO A 153 2.74 9.12 0.56
N ALA A 154 3.26 9.98 1.46
CA ALA A 154 3.13 9.75 2.90
C ALA A 154 1.64 9.84 3.32
N ALA A 155 0.87 10.74 2.66
CA ALA A 155 -0.56 10.94 2.93
C ALA A 155 -1.35 9.68 2.60
N LYS A 156 -1.07 9.06 1.44
CA LYS A 156 -1.73 7.81 1.07
C LYS A 156 -1.41 6.71 2.12
N ALA A 157 -0.10 6.54 2.48
CA ALA A 157 0.29 5.49 3.45
C ALA A 157 -0.44 5.68 4.79
N VAL A 158 -0.51 6.92 5.27
CA VAL A 158 -1.25 7.24 6.51
C VAL A 158 -2.72 6.93 6.35
N ALA A 159 -3.37 7.44 5.27
CA ALA A 159 -4.79 7.24 5.00
C ALA A 159 -5.13 5.75 4.96
N ASP A 160 -4.25 4.93 4.34
CA ASP A 160 -4.47 3.47 4.25
C ASP A 160 -4.45 2.78 5.58
N LEU A 161 -3.48 3.15 6.44
CA LEU A 161 -3.34 2.57 7.77
C LEU A 161 -4.51 2.95 8.68
N LEU A 162 -4.96 4.21 8.58
CA LEU A 162 -6.10 4.72 9.34
C LEU A 162 -7.37 4.00 8.92
N LEU A 163 -7.58 3.87 7.60
CA LEU A 163 -8.70 3.14 7.06
C LEU A 163 -8.72 1.67 7.53
N ALA A 164 -7.53 1.02 7.55
CA ALA A 164 -7.39 -0.38 7.99
C ALA A 164 -7.80 -0.49 9.45
N HIS A 165 -7.40 0.51 10.29
CA HIS A 165 -7.78 0.55 11.70
C HIS A 165 -9.32 0.72 11.83
N GLU A 166 -9.92 1.64 11.07
CA GLU A 166 -11.36 1.89 11.05
C GLU A 166 -12.17 0.68 10.60
N TYR A 167 -11.68 -0.05 9.60
CA TYR A 167 -12.41 -1.18 9.03
C TYR A 167 -12.18 -2.50 9.70
N PHE A 168 -10.91 -2.83 10.03
CA PHE A 168 -10.56 -4.14 10.57
C PHE A 168 -9.74 -4.06 11.89
N PRO A 169 -10.22 -3.37 12.96
CA PRO A 169 -9.40 -3.28 14.19
C PRO A 169 -9.14 -4.62 14.87
N ALA A 170 -10.11 -5.57 14.80
CA ALA A 170 -9.95 -6.90 15.41
C ALA A 170 -8.79 -7.70 14.79
N ALA A 171 -8.64 -7.63 13.46
CA ALA A 171 -7.57 -8.34 12.74
C ALA A 171 -6.22 -7.73 13.13
N LEU A 172 -6.16 -6.39 13.16
CA LEU A 172 -4.96 -5.67 13.50
C LEU A 172 -4.56 -5.86 14.95
N ALA A 173 -5.54 -6.11 15.87
CA ALA A 173 -5.26 -6.34 17.28
C ALA A 173 -4.37 -7.58 17.51
N HIS A 174 -4.34 -8.53 16.56
CA HIS A 174 -3.52 -9.74 16.67
C HIS A 174 -2.04 -9.56 16.22
N VAL A 175 -1.63 -8.36 15.83
CA VAL A 175 -0.25 -8.11 15.37
C VAL A 175 0.52 -7.15 16.26
N ARG A 176 1.83 -7.33 16.31
CA ARG A 176 2.72 -6.53 17.12
C ARG A 176 3.71 -5.76 16.27
N PRO A 177 3.67 -4.42 16.33
CA PRO A 177 4.71 -3.62 15.64
C PRO A 177 5.98 -3.59 16.50
N MET A 178 6.94 -2.68 16.24
CA MET A 178 8.15 -2.58 17.08
C MET A 178 7.70 -1.76 18.29
N ARG A 179 6.88 -2.36 19.16
CA ARG A 179 6.26 -1.69 20.29
C ARG A 179 7.18 -0.81 21.15
N SER A 180 8.41 -1.28 21.44
CA SER A 180 9.36 -0.55 22.28
C SER A 180 10.01 0.69 21.67
N VAL A 181 9.78 0.97 20.38
CA VAL A 181 10.32 2.19 19.77
C VAL A 181 9.26 3.29 19.86
N HIS A 182 8.04 2.92 20.21
CA HIS A 182 6.91 3.87 20.29
C HIS A 182 6.60 4.28 21.73
N ARG A 183 6.04 5.46 21.89
CA ARG A 183 5.64 6.08 23.15
C ARG A 183 4.49 5.32 23.85
N ALA A 184 4.56 5.21 25.18
CA ALA A 184 3.53 4.61 26.04
C ALA A 184 2.59 5.73 26.51
N PRO A 185 1.26 5.50 26.74
CA PRO A 185 0.51 4.24 26.58
C PRO A 185 0.43 3.82 25.10
N HIS A 186 0.55 2.53 24.85
CA HIS A 186 0.56 2.03 23.47
C HIS A 186 -0.82 2.04 22.86
N LEU A 187 -0.88 2.59 21.65
CA LEU A 187 -2.06 2.70 20.83
C LEU A 187 -2.34 1.36 20.13
N PRO A 188 -3.58 1.11 19.60
CA PRO A 188 -3.82 -0.08 18.75
C PRO A 188 -2.76 -0.13 17.61
N PRO A 189 -2.38 -1.33 17.12
CA PRO A 189 -1.24 -1.43 16.19
C PRO A 189 -1.12 -0.50 14.98
N ALA A 190 -2.18 -0.32 14.19
CA ALA A 190 -2.12 0.54 13.01
C ALA A 190 -1.92 2.05 13.41
N LEU A 191 -2.53 2.45 14.52
CA LEU A 191 -2.45 3.82 15.02
C LEU A 191 -1.10 4.11 15.67
N GLU A 192 -0.54 3.11 16.34
CA GLU A 192 0.78 3.19 16.97
C GLU A 192 1.81 3.48 15.87
N VAL A 193 1.74 2.73 14.78
CA VAL A 193 2.66 2.84 13.67
C VAL A 193 2.47 4.14 12.88
N ALA A 194 1.20 4.49 12.56
CA ALA A 194 0.94 5.67 11.74
C ALA A 194 1.22 7.00 12.45
N ARG A 195 1.19 7.00 13.79
CA ARG A 195 1.46 8.21 14.57
C ARG A 195 2.86 8.76 14.27
N GLU A 196 3.85 7.87 14.03
CA GLU A 196 5.21 8.29 13.67
C GLU A 196 5.20 9.13 12.39
N GLU A 197 4.44 8.71 11.37
CA GLU A 197 4.35 9.46 10.12
C GLU A 197 3.55 10.74 10.29
N ILE A 198 2.47 10.66 11.06
CA ILE A 198 1.63 11.84 11.32
C ILE A 198 2.47 12.91 12.04
N ALA A 199 3.28 12.50 13.04
CA ALA A 199 4.11 13.46 13.81
C ALA A 199 5.12 14.16 12.89
N TRP A 200 5.79 13.41 11.97
CA TRP A 200 6.74 13.99 11.01
C TRP A 200 6.00 14.95 10.05
N LEU A 201 4.82 14.52 9.48
CA LEU A 201 4.02 15.36 8.60
C LEU A 201 3.71 16.75 9.19
N LEU A 202 3.42 16.79 10.47
CA LEU A 202 3.15 18.04 11.17
C LEU A 202 4.35 19.01 11.10
N THR A 203 5.59 18.47 11.13
CA THR A 203 6.82 19.30 11.04
C THR A 203 7.07 19.84 9.60
N MET A 204 6.35 19.27 8.60
CA MET A 204 6.49 19.65 7.20
C MET A 204 5.66 20.89 6.85
N GLN A 205 4.75 21.30 7.73
CA GLN A 205 3.91 22.48 7.49
C GLN A 205 4.64 23.78 7.88
N ASP A 206 4.69 24.75 6.97
CA ASP A 206 5.29 26.06 7.23
C ASP A 206 4.39 26.83 8.23
N PRO A 207 4.89 27.14 9.46
CA PRO A 207 4.05 27.84 10.45
C PRO A 207 3.49 29.18 9.99
N ALA A 208 4.26 29.91 9.17
CA ALA A 208 3.90 31.22 8.66
C ALA A 208 2.72 31.19 7.68
N THR A 209 2.72 30.27 6.70
CA THR A 209 1.68 30.25 5.65
C THR A 209 0.64 29.12 5.72
N GLY A 210 0.96 28.03 6.39
CA GLY A 210 0.11 26.84 6.42
C GLY A 210 0.42 25.86 5.28
N GLY A 211 1.31 26.28 4.37
CA GLY A 211 1.74 25.48 3.24
C GLY A 211 2.67 24.37 3.68
N VAL A 212 2.69 23.27 2.92
CA VAL A 212 3.49 22.10 3.29
C VAL A 212 4.57 21.90 2.25
N TYR A 213 5.81 21.66 2.73
CA TYR A 213 6.96 21.38 1.89
C TYR A 213 6.71 20.02 1.18
N HIS A 214 7.04 19.96 -0.10
CA HIS A 214 6.78 18.78 -0.94
C HIS A 214 7.53 17.59 -0.45
N LYS A 215 8.75 17.81 0.08
CA LYS A 215 9.64 16.71 0.52
C LYS A 215 10.91 17.21 1.21
N VAL A 216 11.56 16.32 1.93
CA VAL A 216 12.85 16.50 2.55
C VAL A 216 13.72 15.34 2.11
N THR A 217 14.76 15.67 1.35
CA THR A 217 15.67 14.67 0.83
C THR A 217 17.07 15.24 0.78
N THR A 218 18.06 14.41 0.50
CA THR A 218 19.40 14.89 0.20
C THR A 218 19.31 15.41 -1.27
N PRO A 219 20.24 16.24 -1.78
CA PRO A 219 20.10 16.71 -3.18
C PRO A 219 20.02 15.57 -4.21
N SER A 220 20.71 14.46 -3.97
CA SER A 220 20.66 13.32 -4.87
C SER A 220 20.60 11.96 -4.14
N PHE A 221 20.25 10.90 -4.87
CA PHE A 221 20.21 9.56 -4.31
C PHE A 221 21.62 9.08 -3.95
N PRO A 222 21.85 8.56 -2.73
CA PRO A 222 23.18 8.04 -2.40
C PRO A 222 23.39 6.67 -3.10
N PRO A 223 24.60 6.06 -3.06
CA PRO A 223 24.75 4.72 -3.67
C PRO A 223 23.82 3.70 -3.02
N LEU A 224 23.48 2.64 -3.76
CA LEU A 224 22.60 1.54 -3.30
C LEU A 224 23.15 0.87 -2.05
N ASP A 225 24.49 0.91 -1.90
CA ASP A 225 25.30 0.37 -0.81
C ASP A 225 25.21 1.16 0.50
N THR A 226 24.54 2.32 0.52
CA THR A 226 24.51 3.17 1.70
C THR A 226 23.60 2.77 2.86
N ARG A 227 24.20 2.57 4.04
CA ARG A 227 23.55 2.28 5.30
C ARG A 227 22.77 3.54 5.69
N PRO A 228 21.61 3.45 6.39
CA PRO A 228 20.88 4.69 6.70
C PRO A 228 21.69 5.73 7.48
N GLU A 229 22.40 5.27 8.54
CA GLU A 229 23.20 6.17 9.37
C GLU A 229 24.51 6.67 8.74
N ASP A 230 24.91 6.14 7.56
CA ASP A 230 26.09 6.62 6.84
C ASP A 230 25.72 7.66 5.78
N ASP A 231 24.41 7.91 5.59
CA ASP A 231 23.92 8.89 4.63
C ASP A 231 24.01 10.30 5.23
N ASP A 232 25.19 10.91 5.10
CA ASP A 232 25.46 12.20 5.72
C ASP A 232 25.36 13.43 4.80
N ALA A 233 24.84 13.27 3.57
CA ALA A 233 24.67 14.41 2.67
C ALA A 233 23.67 15.43 3.29
N PRO A 234 23.84 16.76 3.08
CA PRO A 234 22.89 17.73 3.70
C PRO A 234 21.45 17.53 3.23
N LEU A 235 20.49 17.69 4.13
CA LEU A 235 19.05 17.52 3.86
C LEU A 235 18.48 18.83 3.36
N VAL A 236 17.62 18.75 2.33
CA VAL A 236 16.98 19.92 1.72
C VAL A 236 15.47 19.77 1.72
N LEU A 237 14.76 20.82 2.19
CA LEU A 237 13.31 20.88 2.11
C LEU A 237 12.99 21.53 0.75
N SER A 238 12.46 20.73 -0.18
CA SER A 238 12.00 21.20 -1.48
C SER A 238 10.82 22.15 -1.25
N PRO A 239 10.55 23.12 -2.16
CA PRO A 239 9.47 24.10 -1.92
C PRO A 239 8.12 23.52 -1.55
N ILE A 240 7.30 24.39 -0.93
CA ILE A 240 5.89 24.13 -0.64
C ILE A 240 5.22 23.82 -1.99
N SER A 241 4.22 22.91 -1.98
CA SER A 241 3.49 22.58 -3.20
C SER A 241 2.03 22.43 -2.87
N TYR A 242 1.18 22.68 -3.88
CA TYR A 242 -0.26 22.55 -3.73
C TYR A 242 -0.62 21.10 -3.38
N ALA A 243 -0.04 20.13 -4.11
CA ALA A 243 -0.32 18.71 -3.89
C ALA A 243 0.06 18.26 -2.48
N ALA A 244 1.22 18.71 -1.95
CA ALA A 244 1.68 18.39 -0.57
C ALA A 244 0.74 19.00 0.45
N THR A 245 0.37 20.29 0.26
CA THR A 245 -0.54 20.99 1.16
C THR A 245 -1.92 20.33 1.18
N ALA A 246 -2.46 19.93 0.00
CA ALA A 246 -3.79 19.29 -0.07
C ALA A 246 -3.81 17.87 0.48
N THR A 247 -2.81 17.04 0.14
CA THR A 247 -2.77 15.65 0.64
C THR A 247 -2.52 15.61 2.16
N PHE A 248 -1.69 16.54 2.65
CA PHE A 248 -1.43 16.72 4.06
C PHE A 248 -2.74 17.06 4.76
N CYS A 249 -3.49 18.05 4.20
CA CYS A 249 -4.75 18.54 4.76
C CYS A 249 -5.73 17.38 4.96
N ALA A 250 -5.87 16.55 3.91
CA ALA A 250 -6.77 15.42 3.96
C ALA A 250 -6.30 14.35 4.98
N ALA A 251 -5.00 13.99 4.99
CA ALA A 251 -4.46 12.98 5.92
C ALA A 251 -4.56 13.48 7.36
N MET A 252 -4.40 14.80 7.59
CA MET A 252 -4.50 15.41 8.92
C MET A 252 -5.94 15.46 9.44
N ALA A 253 -6.92 15.77 8.55
CA ALA A 253 -8.35 15.81 8.89
C ALA A 253 -8.82 14.40 9.26
N HIS A 254 -8.33 13.38 8.52
CA HIS A 254 -8.61 11.98 8.76
C HIS A 254 -7.99 11.54 10.10
N ALA A 255 -6.72 11.85 10.36
CA ALA A 255 -6.09 11.50 11.63
C ALA A 255 -6.81 12.21 12.83
N ALA A 256 -7.26 13.47 12.62
CA ALA A 256 -7.97 14.23 13.68
C ALA A 256 -9.21 13.44 14.14
N LEU A 257 -9.97 12.87 13.20
CA LEU A 257 -11.13 12.04 13.51
C LEU A 257 -10.74 10.73 14.20
N VAL A 258 -9.83 9.95 13.61
CA VAL A 258 -9.44 8.63 14.11
C VAL A 258 -8.74 8.69 15.48
N TYR A 259 -7.87 9.69 15.71
CA TYR A 259 -7.17 9.76 16.99
C TYR A 259 -7.96 10.40 18.14
N ARG A 260 -9.15 10.94 17.87
CA ARG A 260 -10.00 11.60 18.87
C ARG A 260 -10.10 10.80 20.19
N PRO A 261 -10.53 9.50 20.22
CA PRO A 261 -10.56 8.78 21.52
C PRO A 261 -9.23 8.23 22.05
N PHE A 262 -8.14 8.29 21.25
CA PHE A 262 -6.86 7.71 21.62
C PHE A 262 -5.78 8.72 22.02
N ASP A 263 -5.65 9.83 21.25
CA ASP A 263 -4.67 10.89 21.47
C ASP A 263 -5.35 12.24 21.21
N PRO A 264 -6.11 12.75 22.22
CA PRO A 264 -6.81 14.04 22.05
C PRO A 264 -5.93 15.20 21.59
N ALA A 265 -4.69 15.29 22.10
CA ALA A 265 -3.78 16.39 21.77
C ALA A 265 -3.36 16.30 20.30
N LEU A 266 -2.99 15.07 19.85
CA LEU A 266 -2.64 14.84 18.46
C LEU A 266 -3.81 15.19 17.54
N SER A 267 -5.03 14.71 17.92
CA SER A 267 -6.24 14.95 17.17
C SER A 267 -6.48 16.46 17.00
N SER A 268 -6.42 17.22 18.11
CA SER A 268 -6.62 18.67 18.08
C SER A 268 -5.56 19.36 17.22
N CYS A 269 -4.29 18.98 17.40
CA CYS A 269 -3.18 19.51 16.60
C CYS A 269 -3.37 19.21 15.08
N CYS A 270 -3.79 17.99 14.72
CA CYS A 270 -4.08 17.60 13.32
C CYS A 270 -5.22 18.39 12.71
N ALA A 271 -6.32 18.57 13.46
CA ALA A 271 -7.48 19.35 13.05
C ALA A 271 -7.11 20.79 12.71
N ASP A 272 -6.25 21.42 13.54
CA ASP A 272 -5.78 22.82 13.35
C ASP A 272 -4.88 22.94 12.14
N ALA A 273 -3.95 21.97 12.01
CA ALA A 273 -3.02 21.89 10.89
C ALA A 273 -3.79 21.69 9.56
N ALA A 274 -4.90 20.87 9.57
CA ALA A 274 -5.70 20.64 8.37
C ALA A 274 -6.40 21.94 7.91
N ARG A 275 -6.93 22.71 8.86
CA ARG A 275 -7.58 23.99 8.57
C ARG A 275 -6.60 25.04 8.00
N ARG A 276 -5.38 25.14 8.57
CA ARG A 276 -4.38 26.09 8.11
C ARG A 276 -3.91 25.72 6.71
N ALA A 277 -3.79 24.42 6.42
CA ALA A 277 -3.45 23.96 5.08
C ALA A 277 -4.57 24.26 4.10
N TYR A 278 -5.87 24.05 4.48
CA TYR A 278 -6.96 24.37 3.55
C TYR A 278 -7.00 25.87 3.24
N ALA A 279 -6.70 26.73 4.24
CA ALA A 279 -6.62 28.18 4.03
C ALA A 279 -5.51 28.49 2.97
N TRP A 280 -4.36 27.75 3.01
CA TRP A 280 -3.30 27.94 2.04
C TRP A 280 -3.83 27.60 0.64
N LEU A 281 -4.57 26.47 0.50
CA LEU A 281 -5.17 26.06 -0.78
C LEU A 281 -6.08 27.15 -1.41
N GLY A 282 -6.89 27.81 -0.58
CA GLY A 282 -7.82 28.84 -1.07
C GLY A 282 -7.13 30.06 -1.65
N ALA A 283 -5.92 30.37 -1.15
CA ALA A 283 -5.13 31.54 -1.51
C ALA A 283 -4.01 31.26 -2.52
N HIS A 284 -3.91 30.02 -3.01
CA HIS A 284 -2.84 29.68 -3.95
C HIS A 284 -3.30 28.94 -5.17
N GLU A 285 -2.53 29.03 -6.26
CA GLU A 285 -2.78 28.41 -7.56
C GLU A 285 -2.48 26.93 -7.56
N MET A 286 -3.22 26.17 -8.39
CA MET A 286 -3.01 24.73 -8.57
C MET A 286 -1.76 24.52 -9.41
N GLN A 287 -0.60 24.78 -8.80
CA GLN A 287 0.67 24.69 -9.52
C GLN A 287 1.31 23.32 -9.33
N PRO A 288 1.55 22.57 -10.43
CA PRO A 288 2.24 21.27 -10.32
C PRO A 288 3.64 21.44 -9.78
N PHE A 289 4.10 20.43 -9.02
CA PHE A 289 5.46 20.43 -8.49
C PHE A 289 6.49 19.94 -9.52
N HIS A 290 7.61 20.61 -9.58
CA HIS A 290 8.72 20.15 -10.40
C HIS A 290 9.96 20.21 -9.55
N ASN A 291 10.90 19.29 -9.77
CA ASN A 291 12.15 19.30 -9.02
C ASN A 291 12.93 20.61 -9.24
N PRO A 292 13.33 21.30 -8.15
CA PRO A 292 14.16 22.50 -8.33
C PRO A 292 15.53 22.09 -8.86
N ASP A 293 16.31 23.05 -9.36
CA ASP A 293 17.65 22.75 -9.86
C ASP A 293 18.54 22.22 -8.76
N GLY A 294 19.27 21.15 -9.06
CA GLY A 294 20.16 20.51 -8.09
C GLY A 294 19.47 19.49 -7.20
N ILE A 295 18.15 19.30 -7.38
CA ILE A 295 17.40 18.30 -6.63
C ILE A 295 17.05 17.19 -7.63
N LEU A 296 17.62 16.01 -7.40
CA LEU A 296 17.49 14.89 -8.31
C LEU A 296 16.72 13.71 -7.74
N THR A 297 16.14 13.89 -6.55
CA THR A 297 15.36 12.83 -5.90
C THR A 297 13.93 12.70 -6.47
N GLY A 298 13.17 11.71 -5.97
CA GLY A 298 11.80 11.44 -6.41
C GLY A 298 10.96 12.67 -6.50
N GLU A 299 10.43 12.94 -7.67
CA GLU A 299 9.67 14.17 -7.85
C GLU A 299 8.26 14.16 -7.26
N TYR A 300 7.54 13.03 -7.43
CA TYR A 300 6.12 12.87 -7.06
C TYR A 300 5.31 14.06 -7.61
N GLY A 301 5.57 14.35 -8.87
CA GLY A 301 4.93 15.41 -9.61
C GLY A 301 3.54 14.95 -10.03
N ASP A 302 2.70 15.88 -10.45
CA ASP A 302 1.31 15.59 -10.85
C ASP A 302 0.68 16.83 -11.43
N ALA A 303 0.19 16.74 -12.68
CA ALA A 303 -0.44 17.89 -13.35
C ALA A 303 -1.89 18.13 -12.92
N GLU A 304 -2.57 17.08 -12.37
CA GLU A 304 -3.99 17.17 -11.98
C GLU A 304 -4.16 17.27 -10.48
N LEU A 305 -4.65 18.44 -10.04
CA LEU A 305 -4.76 18.75 -8.63
C LEU A 305 -6.16 18.87 -8.08
N ARG A 306 -7.18 18.66 -8.93
CA ARG A 306 -8.56 18.76 -8.47
C ARG A 306 -8.96 17.63 -7.56
N ASP A 307 -8.39 16.43 -7.81
CA ASP A 307 -8.66 15.26 -6.99
C ASP A 307 -8.10 15.46 -5.56
N GLU A 308 -6.94 16.15 -5.41
CA GLU A 308 -6.34 16.45 -4.11
C GLU A 308 -7.24 17.45 -3.37
N LEU A 309 -7.80 18.46 -4.08
CA LEU A 309 -8.70 19.43 -3.46
C LEU A 309 -10.00 18.70 -3.04
N LEU A 310 -10.49 17.77 -3.88
CA LEU A 310 -11.68 16.96 -3.60
C LEU A 310 -11.44 16.21 -2.25
N TRP A 311 -10.31 15.49 -2.15
CA TRP A 311 -9.95 14.75 -0.96
C TRP A 311 -9.84 15.65 0.27
N ALA A 312 -9.17 16.78 0.15
CA ALA A 312 -9.06 17.72 1.28
C ALA A 312 -10.43 18.28 1.72
N SER A 313 -11.30 18.63 0.76
CA SER A 313 -12.62 19.20 1.07
C SER A 313 -13.55 18.15 1.71
N CYS A 314 -13.51 16.92 1.21
CA CYS A 314 -14.34 15.80 1.69
C CYS A 314 -13.88 15.35 3.06
N ALA A 315 -12.56 15.29 3.30
CA ALA A 315 -11.96 14.91 4.59
C ALA A 315 -12.38 15.93 5.66
N LEU A 316 -12.36 17.24 5.33
CA LEU A 316 -12.79 18.25 6.31
C LEU A 316 -14.31 18.20 6.47
N LEU A 317 -15.06 17.89 5.37
CA LEU A 317 -16.51 17.73 5.46
C LEU A 317 -16.82 16.69 6.55
N ARG A 318 -16.18 15.50 6.48
CA ARG A 318 -16.39 14.43 7.46
C ARG A 318 -15.86 14.79 8.86
N MET A 319 -14.68 15.44 8.93
CA MET A 319 -14.10 15.85 10.22
C MET A 319 -15.06 16.76 11.00
N THR A 320 -15.62 17.76 10.32
CA THR A 320 -16.48 18.77 10.93
C THR A 320 -17.95 18.37 10.99
N GLY A 321 -18.41 17.61 10.00
CA GLY A 321 -19.82 17.23 9.87
C GLY A 321 -20.64 18.47 9.50
N ASP A 322 -19.95 19.45 8.91
CA ASP A 322 -20.52 20.73 8.54
C ASP A 322 -20.93 20.78 7.07
N SER A 323 -22.26 20.82 6.83
CA SER A 323 -22.91 20.87 5.50
C SER A 323 -22.40 21.97 4.58
N ALA A 324 -21.79 23.02 5.17
CA ALA A 324 -21.16 24.13 4.47
C ALA A 324 -20.09 23.60 3.51
N TRP A 325 -19.37 22.54 3.91
CA TRP A 325 -18.33 21.92 3.08
C TRP A 325 -18.85 21.20 1.82
N ALA A 326 -20.10 20.66 1.85
CA ALA A 326 -20.67 19.96 0.68
C ALA A 326 -20.74 20.86 -0.53
N ARG A 327 -20.89 22.19 -0.31
CA ARG A 327 -20.93 23.22 -1.36
C ARG A 327 -19.69 23.14 -2.22
N VAL A 328 -18.52 22.85 -1.62
CA VAL A 328 -17.28 22.71 -2.37
C VAL A 328 -17.07 21.26 -2.87
N CYS A 329 -17.46 20.26 -2.07
CA CYS A 329 -17.26 18.84 -2.41
C CYS A 329 -18.03 18.41 -3.65
N GLU A 330 -19.35 18.67 -3.64
CA GLU A 330 -20.29 18.22 -4.69
C GLU A 330 -19.98 18.60 -6.12
N PRO A 331 -19.63 19.88 -6.46
CA PRO A 331 -19.21 20.17 -7.83
C PRO A 331 -17.93 19.39 -8.16
N LEU A 332 -17.03 19.19 -7.14
CA LEU A 332 -15.80 18.42 -7.41
C LEU A 332 -16.10 16.94 -7.67
N LEU A 333 -17.13 16.38 -7.00
CA LEU A 333 -17.54 14.99 -7.17
C LEU A 333 -18.15 14.70 -8.55
N ASP A 334 -18.68 15.75 -9.18
CA ASP A 334 -19.28 15.73 -10.51
C ASP A 334 -18.26 15.56 -11.63
N LEU A 335 -16.97 15.97 -11.38
CA LEU A 335 -15.92 15.91 -12.40
C LEU A 335 -15.60 14.50 -12.88
N ASP A 336 -15.13 14.39 -14.14
CA ASP A 336 -14.72 13.12 -14.73
C ASP A 336 -13.31 12.71 -14.30
N LEU A 337 -12.96 12.98 -13.05
CA LEU A 337 -11.68 12.56 -12.51
C LEU A 337 -11.69 11.03 -12.30
N PRO A 338 -10.55 10.32 -12.49
CA PRO A 338 -10.55 8.89 -12.15
C PRO A 338 -10.70 8.78 -10.62
N TRP A 339 -11.49 7.83 -10.14
CA TRP A 339 -11.73 7.68 -8.71
C TRP A 339 -10.79 6.59 -8.23
N GLU A 340 -9.55 6.99 -7.96
CA GLU A 340 -8.49 6.07 -7.57
C GLU A 340 -7.97 6.29 -6.15
N LEU A 341 -7.09 5.38 -5.72
CA LEU A 341 -6.54 5.43 -4.38
C LEU A 341 -5.07 5.80 -4.34
N GLY A 342 -4.66 6.73 -5.20
CA GLY A 342 -3.33 7.31 -5.18
C GLY A 342 -2.21 6.52 -5.86
N TRP A 343 -0.94 6.97 -5.74
CA TRP A 343 -0.50 8.15 -4.99
C TRP A 343 -0.84 9.49 -5.68
N ALA A 344 -0.96 9.50 -7.03
CA ALA A 344 -1.24 10.71 -7.80
C ALA A 344 -2.73 11.05 -7.99
N ASP A 345 -3.57 10.03 -8.15
CA ASP A 345 -5.01 10.17 -8.40
C ASP A 345 -5.68 9.64 -7.14
N VAL A 346 -6.10 10.56 -6.29
CA VAL A 346 -6.62 10.29 -4.95
C VAL A 346 -8.11 10.51 -4.75
N ALA A 347 -8.89 10.77 -5.82
CA ALA A 347 -10.31 11.10 -5.68
C ALA A 347 -11.15 10.09 -4.87
N LEU A 348 -10.88 8.77 -4.96
CA LEU A 348 -11.67 7.79 -4.20
C LEU A 348 -11.58 7.97 -2.68
N TYR A 349 -10.43 8.49 -2.17
CA TYR A 349 -10.32 8.81 -0.73
C TYR A 349 -11.36 9.89 -0.37
N GLY A 350 -11.50 10.89 -1.25
CA GLY A 350 -12.49 11.95 -1.09
C GLY A 350 -13.91 11.42 -1.20
N VAL A 351 -14.18 10.59 -2.22
CA VAL A 351 -15.49 9.94 -2.38
C VAL A 351 -15.87 9.20 -1.08
N MET A 352 -14.91 8.48 -0.47
CA MET A 352 -15.13 7.72 0.78
C MET A 352 -15.47 8.58 1.98
N ASP A 353 -14.73 9.67 2.18
CA ASP A 353 -14.99 10.64 3.25
C ASP A 353 -16.39 11.27 3.09
N TYR A 354 -16.74 11.59 1.84
CA TYR A 354 -18.05 12.16 1.52
C TYR A 354 -19.19 11.17 1.88
N LEU A 355 -19.07 9.91 1.44
CA LEU A 355 -20.05 8.84 1.64
C LEU A 355 -20.17 8.43 3.13
N ARG A 356 -19.09 8.64 3.91
CA ARG A 356 -19.03 8.31 5.34
C ARG A 356 -19.44 9.51 6.22
N THR A 357 -19.82 10.61 5.60
CA THR A 357 -20.30 11.79 6.33
C THR A 357 -21.81 11.55 6.62
N PRO A 358 -22.39 11.97 7.78
CA PRO A 358 -23.83 11.78 8.00
C PRO A 358 -24.62 12.33 6.80
N ARG A 359 -25.64 11.57 6.35
CA ARG A 359 -26.52 11.85 5.21
C ARG A 359 -27.17 13.24 5.26
N ALA A 360 -27.48 13.73 6.47
CA ALA A 360 -28.10 15.06 6.65
C ALA A 360 -27.22 16.21 6.12
N ALA A 361 -25.88 16.09 6.27
CA ALA A 361 -24.92 17.12 5.84
C ALA A 361 -24.70 17.21 4.33
N VAL A 362 -25.26 16.29 3.53
CA VAL A 362 -25.03 16.27 2.06
C VAL A 362 -26.31 16.19 1.22
N SER A 363 -26.25 16.57 -0.09
CA SER A 363 -27.38 16.46 -1.05
C SER A 363 -27.62 14.98 -1.38
N ASP A 364 -28.83 14.47 -1.05
CA ASP A 364 -29.21 13.08 -1.30
C ASP A 364 -29.10 12.67 -2.77
N ASP A 365 -29.42 13.60 -3.66
CA ASP A 365 -29.33 13.43 -5.11
C ASP A 365 -27.87 13.18 -5.55
N VAL A 366 -26.92 14.05 -5.08
CA VAL A 366 -25.49 13.90 -5.36
C VAL A 366 -24.99 12.58 -4.79
N ARG A 367 -25.33 12.30 -3.52
CA ARG A 367 -24.95 11.06 -2.82
C ARG A 367 -25.30 9.79 -3.60
N ASN A 368 -26.54 9.75 -4.17
CA ASN A 368 -27.02 8.62 -4.98
C ASN A 368 -26.27 8.53 -6.29
N LYS A 369 -25.94 9.67 -6.92
CA LYS A 369 -25.14 9.70 -8.16
C LYS A 369 -23.71 9.19 -7.87
N VAL A 370 -23.15 9.64 -6.74
CA VAL A 370 -21.81 9.21 -6.28
C VAL A 370 -21.79 7.69 -6.06
N LYS A 371 -22.80 7.16 -5.31
CA LYS A 371 -22.93 5.72 -5.07
C LYS A 371 -23.10 4.93 -6.35
N SER A 372 -23.89 5.44 -7.33
CA SER A 372 -24.07 4.73 -8.61
C SER A 372 -22.78 4.67 -9.40
N ARG A 373 -22.00 5.78 -9.47
CA ARG A 373 -20.73 5.74 -10.22
C ARG A 373 -19.79 4.72 -9.57
N LEU A 374 -19.70 4.72 -8.23
CA LEU A 374 -18.89 3.74 -7.51
C LEU A 374 -19.29 2.30 -7.87
N LEU A 375 -20.60 2.01 -7.90
CA LEU A 375 -21.04 0.66 -8.28
C LEU A 375 -20.61 0.33 -9.72
N ARG A 376 -20.83 1.27 -10.68
CA ARG A 376 -20.43 1.08 -12.08
C ARG A 376 -18.91 0.86 -12.17
N GLU A 377 -18.11 1.55 -11.35
CA GLU A 377 -16.63 1.38 -11.33
C GLU A 377 -16.29 -0.04 -10.88
N LEU A 378 -16.90 -0.48 -9.78
CA LEU A 378 -16.69 -1.83 -9.24
C LEU A 378 -17.12 -2.92 -10.25
N ASP A 379 -18.26 -2.71 -10.96
CA ASP A 379 -18.72 -3.64 -12.00
C ASP A 379 -17.64 -3.80 -13.08
N ALA A 380 -17.00 -2.68 -13.47
CA ALA A 380 -15.94 -2.73 -14.49
C ALA A 380 -14.73 -3.51 -13.98
N LEU A 381 -14.38 -3.31 -12.69
CA LEU A 381 -13.26 -4.05 -12.10
C LEU A 381 -13.63 -5.53 -12.05
N ALA A 382 -14.90 -5.85 -11.71
CA ALA A 382 -15.39 -7.22 -11.64
C ALA A 382 -15.31 -7.93 -13.00
N ALA A 383 -15.62 -7.21 -14.10
CA ALA A 383 -15.54 -7.74 -15.47
C ALA A 383 -14.08 -8.03 -15.82
N MET A 384 -13.14 -7.14 -15.44
CA MET A 384 -11.70 -7.38 -15.68
C MET A 384 -11.27 -8.67 -14.98
N ALA A 385 -11.68 -8.82 -13.71
CA ALA A 385 -11.40 -9.98 -12.84
C ALA A 385 -11.99 -11.26 -13.45
N GLU A 386 -13.18 -11.16 -14.07
CA GLU A 386 -13.86 -12.29 -14.74
C GLU A 386 -13.09 -12.81 -15.95
N SER A 387 -12.44 -11.93 -16.71
CA SER A 387 -11.68 -12.31 -17.88
C SER A 387 -10.20 -12.63 -17.60
N HIS A 388 -9.70 -12.34 -16.37
CA HIS A 388 -8.29 -12.61 -16.02
C HIS A 388 -8.15 -14.08 -15.54
N PRO A 389 -7.11 -14.82 -15.98
CA PRO A 389 -6.97 -16.23 -15.53
C PRO A 389 -6.76 -16.38 -14.00
N PHE A 390 -6.15 -15.36 -13.36
CA PHE A 390 -5.93 -15.34 -11.89
C PHE A 390 -7.07 -14.66 -11.11
N GLY A 391 -8.11 -14.22 -11.82
CA GLY A 391 -9.28 -13.60 -11.21
C GLY A 391 -9.03 -12.25 -10.53
N ILE A 392 -7.94 -11.56 -10.90
CA ILE A 392 -7.56 -10.25 -10.36
C ILE A 392 -8.07 -9.12 -11.28
N PRO A 393 -8.54 -7.96 -10.74
CA PRO A 393 -9.09 -6.91 -11.64
C PRO A 393 -7.95 -6.16 -12.34
N MET A 394 -7.26 -6.83 -13.28
CA MET A 394 -6.13 -6.25 -14.01
C MET A 394 -6.24 -6.62 -15.50
N ARG A 395 -5.68 -5.77 -16.37
CA ARG A 395 -5.53 -5.95 -17.81
C ARG A 395 -4.02 -5.77 -18.04
N ASP A 396 -3.47 -6.30 -19.15
CA ASP A 396 -2.04 -6.15 -19.50
C ASP A 396 -1.50 -4.73 -19.36
N ASP A 397 -2.30 -3.73 -19.79
CA ASP A 397 -1.91 -2.32 -19.70
C ASP A 397 -1.80 -1.76 -18.28
N ASP A 398 -2.35 -2.48 -17.28
CA ASP A 398 -2.32 -2.09 -15.86
C ASP A 398 -1.01 -2.50 -15.16
N PHE A 399 -0.14 -3.26 -15.86
CA PHE A 399 1.12 -3.74 -15.30
C PHE A 399 2.23 -2.75 -15.57
N ILE A 400 2.14 -1.63 -14.82
CA ILE A 400 3.03 -0.45 -14.84
C ILE A 400 3.85 -0.46 -13.55
N TRP A 401 4.65 0.59 -13.33
CA TRP A 401 5.45 0.78 -12.13
C TRP A 401 4.51 0.76 -10.93
N GLY A 402 4.78 -0.15 -9.99
CA GLY A 402 3.95 -0.33 -8.80
C GLY A 402 2.63 -1.00 -9.11
N SER A 403 2.65 -2.02 -10.01
CA SER A 403 1.46 -2.76 -10.45
C SER A 403 0.80 -3.51 -9.26
N ASN A 404 1.62 -3.95 -8.30
CA ASN A 404 1.11 -4.58 -7.08
C ASN A 404 0.24 -3.61 -6.30
N MET A 405 0.58 -2.30 -6.32
CA MET A 405 -0.24 -1.29 -5.66
C MET A 405 -1.48 -1.03 -6.49
N VAL A 406 -1.36 -1.06 -7.85
CA VAL A 406 -2.54 -0.89 -8.71
C VAL A 406 -3.54 -1.97 -8.31
N LEU A 407 -3.11 -3.23 -8.26
CA LEU A 407 -3.94 -4.37 -7.88
C LEU A 407 -4.55 -4.22 -6.49
N LEU A 408 -3.71 -3.92 -5.49
CA LEU A 408 -4.18 -3.84 -4.09
C LEU A 408 -5.15 -2.71 -3.86
N ASN A 409 -4.95 -1.54 -4.50
CA ASN A 409 -5.90 -0.42 -4.40
C ASN A 409 -7.24 -0.80 -4.97
N ARG A 410 -7.26 -1.64 -6.00
CA ARG A 410 -8.52 -2.09 -6.60
C ARG A 410 -9.24 -3.06 -5.67
N ALA A 411 -8.51 -4.00 -5.01
CA ALA A 411 -9.09 -4.92 -4.01
C ALA A 411 -9.65 -4.06 -2.86
N MET A 412 -8.87 -3.04 -2.47
CA MET A 412 -9.23 -2.08 -1.42
C MET A 412 -10.54 -1.34 -1.73
N ALA A 413 -10.70 -0.87 -2.98
CA ALA A 413 -11.93 -0.17 -3.38
C ALA A 413 -13.17 -1.02 -3.14
N PHE A 414 -13.15 -2.35 -3.50
CA PHE A 414 -14.30 -3.25 -3.26
C PHE A 414 -14.68 -3.31 -1.78
N LEU A 415 -13.65 -3.41 -0.92
CA LEU A 415 -13.78 -3.58 0.52
C LEU A 415 -14.23 -2.32 1.21
N LEU A 416 -13.72 -1.18 0.74
CA LEU A 416 -14.07 0.15 1.24
C LEU A 416 -15.56 0.42 0.97
N ALA A 417 -16.03 0.03 -0.22
CA ALA A 417 -17.41 0.22 -0.69
C ALA A 417 -18.46 -0.46 0.23
N GLU A 418 -18.08 -1.56 0.87
CA GLU A 418 -18.93 -2.31 1.80
C GLU A 418 -19.34 -1.52 3.03
N GLY A 419 -18.54 -0.51 3.39
CA GLY A 419 -18.84 0.34 4.54
C GLY A 419 -19.76 1.48 4.20
N VAL A 420 -20.12 1.64 2.90
CA VAL A 420 -20.95 2.74 2.43
C VAL A 420 -22.15 2.28 1.60
N GLY A 421 -22.61 1.07 1.86
CA GLY A 421 -23.79 0.49 1.22
C GLY A 421 -23.60 -0.04 -0.18
N VAL A 422 -22.39 -0.04 -0.70
CA VAL A 422 -22.13 -0.55 -2.05
C VAL A 422 -21.50 -1.94 -1.89
N LEU A 423 -22.36 -2.97 -1.89
CA LEU A 423 -22.01 -4.36 -1.62
C LEU A 423 -21.90 -5.18 -2.88
N HIS A 424 -20.73 -5.14 -3.50
CA HIS A 424 -20.50 -5.87 -4.73
C HIS A 424 -20.22 -7.35 -4.43
N PRO A 425 -20.96 -8.28 -5.08
CA PRO A 425 -20.76 -9.71 -4.81
C PRO A 425 -19.35 -10.27 -4.97
N ALA A 426 -18.53 -9.63 -5.82
CA ALA A 426 -17.16 -10.06 -6.09
C ALA A 426 -16.10 -9.56 -5.08
N ALA A 427 -16.46 -8.66 -4.15
CA ALA A 427 -15.51 -8.04 -3.19
C ALA A 427 -14.51 -8.99 -2.47
N HIS A 428 -15.03 -10.04 -1.85
CA HIS A 428 -14.18 -10.99 -1.13
C HIS A 428 -13.38 -11.91 -2.03
N THR A 429 -13.93 -12.30 -3.18
CA THR A 429 -13.20 -13.11 -4.16
C THR A 429 -11.96 -12.33 -4.65
N VAL A 430 -12.16 -11.04 -5.02
CA VAL A 430 -11.11 -10.15 -5.49
C VAL A 430 -10.01 -9.98 -4.43
N ALA A 431 -10.42 -9.78 -3.15
CA ALA A 431 -9.47 -9.61 -2.04
C ALA A 431 -8.61 -10.87 -1.90
N GLN A 432 -9.25 -12.05 -1.96
CA GLN A 432 -8.54 -13.34 -1.88
C GLN A 432 -7.67 -13.53 -3.09
N ARG A 433 -8.17 -13.22 -4.30
CA ARG A 433 -7.35 -13.39 -5.49
C ARG A 433 -6.14 -12.47 -5.50
N ALA A 434 -6.29 -11.24 -4.99
CA ALA A 434 -5.19 -10.27 -4.91
C ALA A 434 -4.10 -10.80 -3.97
N ALA A 435 -4.48 -11.37 -2.80
CA ALA A 435 -3.54 -11.99 -1.83
C ALA A 435 -2.83 -13.21 -2.48
N ASP A 436 -3.63 -14.11 -3.11
CA ASP A 436 -3.09 -15.30 -3.80
C ASP A 436 -2.01 -14.85 -4.79
N TYR A 437 -2.32 -13.88 -5.67
CA TYR A 437 -1.43 -13.33 -6.69
C TYR A 437 -0.18 -12.78 -6.01
N LEU A 438 -0.35 -11.88 -5.01
CA LEU A 438 0.78 -11.30 -4.31
C LEU A 438 1.70 -12.37 -3.66
N PHE A 439 1.09 -13.50 -3.26
CA PHE A 439 1.85 -14.55 -2.56
C PHE A 439 2.28 -15.71 -3.43
N GLY A 440 2.22 -15.55 -4.76
CA GLY A 440 2.75 -16.61 -5.64
C GLY A 440 1.88 -17.11 -6.76
N ALA A 441 0.56 -16.91 -6.70
CA ALA A 441 -0.36 -17.36 -7.75
C ALA A 441 -0.27 -16.35 -8.91
N ASN A 442 0.79 -16.44 -9.69
CA ASN A 442 1.07 -15.53 -10.80
C ASN A 442 1.97 -16.27 -11.81
N PRO A 443 2.08 -15.85 -13.08
CA PRO A 443 2.97 -16.59 -14.03
C PRO A 443 4.42 -16.82 -13.64
N LEU A 444 4.99 -16.02 -12.72
CA LEU A 444 6.38 -16.21 -12.28
C LEU A 444 6.54 -17.09 -11.02
N GLY A 445 5.41 -17.49 -10.42
CA GLY A 445 5.38 -18.24 -9.16
C GLY A 445 6.09 -17.44 -8.07
N GLN A 446 6.04 -16.11 -8.21
CA GLN A 446 6.78 -15.20 -7.35
C GLN A 446 5.99 -14.70 -6.17
N CYS A 447 6.50 -14.91 -4.95
CA CYS A 447 5.86 -14.28 -3.81
C CYS A 447 6.48 -12.88 -3.79
N TYR A 448 5.63 -11.86 -3.93
CA TYR A 448 6.06 -10.46 -4.01
C TYR A 448 6.33 -9.76 -2.69
N VAL A 449 6.55 -10.54 -1.64
CA VAL A 449 6.82 -10.02 -0.30
C VAL A 449 8.13 -10.66 0.16
N THR A 450 9.07 -9.85 0.68
CA THR A 450 10.31 -10.39 1.22
C THR A 450 10.01 -11.25 2.46
N GLY A 451 10.78 -12.34 2.61
CA GLY A 451 10.72 -13.23 3.75
C GLY A 451 9.53 -14.14 3.85
N PHE A 452 8.71 -14.21 2.79
CA PHE A 452 7.54 -15.08 2.86
C PHE A 452 7.44 -15.94 1.61
N GLY A 453 6.74 -17.08 1.75
CA GLY A 453 6.52 -18.03 0.69
C GLY A 453 7.70 -18.91 0.34
N GLN A 454 7.58 -19.70 -0.75
CA GLN A 454 8.63 -20.61 -1.20
C GLN A 454 9.57 -19.94 -2.18
N ARG A 455 9.08 -18.87 -2.86
CA ARG A 455 9.92 -18.06 -3.75
C ARG A 455 9.77 -16.61 -3.27
N PRO A 456 10.43 -16.27 -2.13
CA PRO A 456 10.34 -14.88 -1.65
C PRO A 456 11.15 -13.92 -2.52
N VAL A 457 10.96 -12.61 -2.29
CA VAL A 457 11.81 -11.58 -2.89
C VAL A 457 13.09 -11.64 -2.05
N ARG A 458 14.24 -11.78 -2.69
CA ARG A 458 15.53 -11.92 -2.00
C ARG A 458 16.45 -10.75 -2.28
N HIS A 459 16.24 -10.02 -3.40
CA HIS A 459 17.12 -8.92 -3.81
C HIS A 459 16.35 -7.62 -4.09
N PRO A 460 15.62 -7.04 -3.11
CA PRO A 460 14.87 -5.81 -3.41
C PRO A 460 15.76 -4.62 -3.61
N HIS A 461 15.30 -3.63 -4.39
CA HIS A 461 15.97 -2.35 -4.52
C HIS A 461 15.62 -1.59 -3.22
N HIS A 462 16.40 -1.81 -2.14
CA HIS A 462 16.16 -1.25 -0.81
C HIS A 462 17.51 -1.05 -0.13
N ARG A 463 17.90 0.22 0.07
CA ARG A 463 19.22 0.56 0.63
C ARG A 463 19.63 -0.17 1.90
N PRO A 464 18.81 -0.24 2.99
CA PRO A 464 19.23 -1.01 4.18
C PRO A 464 19.47 -2.48 3.88
N SER A 465 18.65 -3.12 3.02
CA SER A 465 18.87 -4.53 2.71
C SER A 465 20.15 -4.74 1.86
N VAL A 466 20.45 -3.82 0.94
CA VAL A 466 21.62 -3.92 0.07
C VAL A 466 22.90 -3.65 0.89
N ALA A 467 22.90 -2.54 1.67
CA ALA A 467 24.02 -2.03 2.47
C ALA A 467 24.53 -2.99 3.50
N ASP A 468 23.62 -3.61 4.26
CA ASP A 468 24.02 -4.55 5.28
C ASP A 468 24.71 -5.76 4.68
N ASP A 469 25.34 -6.54 5.54
CA ASP A 469 25.99 -7.75 5.10
C ASP A 469 25.11 -8.91 5.61
N VAL A 470 23.80 -8.80 5.25
CA VAL A 470 22.73 -9.73 5.60
C VAL A 470 22.11 -10.32 4.30
N ASP A 471 21.46 -9.44 3.48
CA ASP A 471 20.69 -9.68 2.24
C ASP A 471 20.53 -11.12 1.65
N HIS A 472 19.58 -11.95 2.13
CA HIS A 472 18.56 -11.83 3.19
C HIS A 472 18.02 -10.44 3.59
N PRO A 473 17.03 -9.94 2.83
CA PRO A 473 16.51 -8.59 3.09
C PRO A 473 15.60 -8.46 4.30
N VAL A 474 15.29 -7.19 4.65
CA VAL A 474 14.33 -6.87 5.69
C VAL A 474 12.99 -7.59 5.27
N PRO A 475 12.32 -8.33 6.17
CA PRO A 475 11.10 -9.05 5.77
C PRO A 475 9.86 -8.16 5.70
N GLY A 476 8.81 -8.69 5.09
CA GLY A 476 7.50 -8.05 4.98
C GLY A 476 7.36 -6.90 4.03
N MET A 477 8.31 -6.75 3.08
CA MET A 477 8.28 -5.65 2.07
C MET A 477 7.62 -6.07 0.76
N VAL A 478 6.53 -5.38 0.40
CA VAL A 478 5.79 -5.64 -0.86
C VAL A 478 6.52 -4.95 -1.99
N VAL A 479 7.01 -5.70 -2.97
CA VAL A 479 7.71 -5.05 -4.08
C VAL A 479 6.75 -4.44 -5.11
N GLY A 480 7.25 -3.49 -5.91
CA GLY A 480 6.45 -2.83 -6.95
C GLY A 480 5.66 -3.75 -7.83
N GLY A 481 6.34 -4.79 -8.34
CA GLY A 481 5.72 -5.79 -9.20
C GLY A 481 5.98 -5.58 -10.69
N PRO A 482 5.53 -6.53 -11.54
CA PRO A 482 5.80 -6.41 -13.00
C PRO A 482 5.44 -5.08 -13.65
N ASN A 483 6.36 -4.56 -14.45
CA ASN A 483 6.18 -3.28 -15.11
C ASN A 483 6.66 -3.44 -16.56
N ARG A 484 5.69 -3.58 -17.49
CA ARG A 484 5.87 -3.82 -18.93
C ARG A 484 6.62 -2.69 -19.67
N HIS A 485 6.77 -1.54 -19.04
CA HIS A 485 7.40 -0.38 -19.66
C HIS A 485 8.91 -0.40 -19.60
N LEU A 486 9.48 -1.41 -18.90
CA LEU A 486 10.91 -1.65 -18.79
C LEU A 486 11.65 -0.36 -18.44
N GLN A 487 11.31 0.19 -17.27
CA GLN A 487 11.80 1.49 -16.83
C GLN A 487 13.10 1.54 -16.05
N ASP A 488 13.93 0.52 -16.22
CA ASP A 488 15.29 0.48 -15.71
C ASP A 488 16.18 -0.36 -16.66
N GLU A 489 17.51 -0.19 -16.57
CA GLU A 489 18.49 -0.90 -17.42
C GLU A 489 18.43 -2.42 -17.31
N ILE A 490 18.23 -2.98 -16.10
CA ILE A 490 18.08 -4.43 -15.90
C ILE A 490 16.81 -4.96 -16.58
N ALA A 491 15.65 -4.30 -16.32
CA ALA A 491 14.36 -4.67 -16.93
C ALA A 491 14.47 -4.63 -18.46
N ARG A 492 15.06 -3.56 -19.04
CA ARG A 492 15.26 -3.42 -20.49
C ARG A 492 16.10 -4.57 -21.07
N ALA A 493 17.21 -4.92 -20.37
CA ALA A 493 18.15 -5.97 -20.73
C ALA A 493 17.61 -7.39 -20.61
N GLN A 494 16.85 -7.69 -19.55
CA GLN A 494 16.38 -9.06 -19.29
C GLN A 494 14.91 -9.34 -19.56
N LEU A 495 14.04 -8.32 -19.65
CA LEU A 495 12.60 -8.56 -19.76
C LEU A 495 11.89 -8.18 -21.06
N ALA A 496 12.62 -7.65 -22.08
CA ALA A 496 12.03 -7.30 -23.38
C ALA A 496 11.32 -8.49 -24.03
N GLY A 497 10.14 -8.24 -24.60
CA GLY A 497 9.35 -9.24 -25.31
C GLY A 497 8.53 -10.18 -24.42
N ARG A 498 8.72 -10.12 -23.09
CA ARG A 498 7.99 -10.97 -22.15
C ARG A 498 6.57 -10.41 -21.85
N PRO A 499 5.55 -11.27 -21.59
CA PRO A 499 4.20 -10.75 -21.26
C PRO A 499 4.23 -9.82 -20.04
N ALA A 500 3.23 -8.91 -19.97
CA ALA A 500 3.07 -7.90 -18.91
C ALA A 500 3.24 -8.46 -17.48
N MET A 501 2.59 -9.60 -17.17
CA MET A 501 2.71 -10.21 -15.83
C MET A 501 4.09 -10.80 -15.56
N GLU A 502 4.89 -11.05 -16.61
CA GLU A 502 6.25 -11.62 -16.43
C GLU A 502 7.32 -10.56 -16.51
N ALA A 503 6.90 -9.29 -16.61
CA ALA A 503 7.81 -8.15 -16.68
C ALA A 503 8.36 -7.75 -15.28
N TYR A 504 8.93 -8.71 -14.56
CA TYR A 504 9.48 -8.49 -13.22
C TYR A 504 10.77 -9.22 -13.09
N ILE A 505 11.73 -8.65 -12.35
CA ILE A 505 12.99 -9.35 -12.05
C ILE A 505 13.42 -9.12 -10.60
N ASP A 506 13.75 -10.21 -9.85
CA ASP A 506 14.23 -10.10 -8.48
C ASP A 506 15.73 -9.79 -8.52
N HIS A 507 16.05 -8.54 -8.82
CA HIS A 507 17.41 -8.01 -8.92
C HIS A 507 17.42 -6.63 -8.25
N GLN A 508 18.43 -6.36 -7.41
CA GLN A 508 18.59 -5.11 -6.64
C GLN A 508 18.64 -3.83 -7.47
N ASP A 509 19.01 -3.93 -8.77
CA ASP A 509 19.10 -2.74 -9.62
C ASP A 509 17.80 -2.49 -10.36
N SER A 510 16.82 -3.40 -10.23
CA SER A 510 15.55 -3.18 -10.90
C SER A 510 14.62 -2.36 -10.03
N TYR A 511 14.85 -1.03 -9.95
CA TYR A 511 14.01 -0.12 -9.17
C TYR A 511 12.59 -0.02 -9.74
N SER A 512 12.44 -0.24 -11.06
CA SER A 512 11.12 -0.13 -11.72
C SER A 512 10.24 -1.34 -11.52
N THR A 513 10.77 -2.47 -11.03
CA THR A 513 9.91 -3.66 -10.78
C THR A 513 10.13 -4.20 -9.38
N ASN A 514 11.30 -3.94 -8.79
CA ASN A 514 11.69 -4.55 -7.53
C ASN A 514 12.03 -3.63 -6.36
N GLU A 515 11.51 -2.41 -6.38
CA GLU A 515 11.66 -1.50 -5.24
C GLU A 515 10.48 -1.79 -4.27
N VAL A 516 10.51 -1.17 -3.10
CA VAL A 516 9.53 -1.30 -2.02
C VAL A 516 9.08 0.15 -1.74
N ALA A 517 7.98 0.36 -1.01
CA ALA A 517 7.48 1.71 -0.69
C ALA A 517 6.49 1.61 0.44
N VAL A 518 6.43 2.65 1.28
CA VAL A 518 5.46 2.71 2.39
C VAL A 518 4.00 2.67 1.88
N TYR A 519 3.72 3.23 0.70
CA TYR A 519 2.37 3.26 0.09
C TYR A 519 2.08 2.05 -0.84
N TRP A 520 2.96 1.04 -0.80
CA TRP A 520 2.75 -0.24 -1.46
C TRP A 520 2.45 -1.22 -0.34
N ASN A 521 3.07 -1.00 0.85
CA ASN A 521 2.77 -1.85 1.98
C ASN A 521 1.42 -1.47 2.58
N SER A 522 1.05 -0.18 2.50
CA SER A 522 -0.17 0.31 3.13
C SER A 522 -1.49 -0.30 2.57
N PRO A 523 -1.74 -0.39 1.25
CA PRO A 523 -2.96 -1.11 0.81
C PRO A 523 -2.85 -2.61 1.10
N ALA A 524 -1.62 -3.18 1.16
CA ALA A 524 -1.42 -4.62 1.46
C ALA A 524 -1.90 -4.87 2.90
N VAL A 525 -1.53 -3.95 3.83
CA VAL A 525 -1.99 -4.05 5.22
C VAL A 525 -3.52 -4.07 5.25
N PHE A 526 -4.17 -3.16 4.51
CA PHE A 526 -5.64 -3.07 4.47
C PHE A 526 -6.26 -4.36 3.92
N VAL A 527 -5.75 -4.81 2.77
CA VAL A 527 -6.27 -6.02 2.11
C VAL A 527 -6.08 -7.26 2.95
N ILE A 528 -4.88 -7.45 3.46
CA ILE A 528 -4.60 -8.61 4.33
C ILE A 528 -5.41 -8.58 5.63
N ALA A 529 -5.61 -7.37 6.23
CA ALA A 529 -6.41 -7.28 7.45
C ALA A 529 -7.88 -7.65 7.15
N ALA A 530 -8.38 -7.27 5.95
CA ALA A 530 -9.75 -7.59 5.52
C ALA A 530 -9.93 -9.10 5.48
N LEU A 531 -8.96 -9.81 4.89
CA LEU A 531 -9.04 -11.27 4.76
C LEU A 531 -9.00 -11.97 6.10
N LEU A 532 -8.16 -11.46 6.99
CA LEU A 532 -8.06 -12.02 8.32
C LEU A 532 -9.37 -11.90 9.06
N GLU A 533 -10.06 -10.75 8.92
CA GLU A 533 -11.36 -10.46 9.56
C GLU A 533 -12.41 -11.53 9.33
N ALA A 534 -12.59 -11.97 8.06
CA ALA A 534 -13.52 -13.02 7.61
C ALA A 534 -14.97 -12.79 8.02
CA CA B . -3.96 14.38 -8.49
ZN ZN C . 16.73 8.37 8.07
O24 G3I D . -0.17 6.20 -15.23
C24 G3I D . 0.51 5.73 -16.48
C34 G3I D . -0.37 4.93 -17.48
O34 G3I D . -1.46 5.68 -17.86
C44 G3I D . 0.27 4.66 -18.83
O44 G3I D . -0.60 3.66 -19.39
C54 G3I D . 1.79 4.24 -18.79
C64 G3I D . 2.43 4.74 -20.08
O64 G3I D . 3.74 5.43 -19.89
O54 G3I D . 2.54 4.66 -17.58
C14 G3I D . 1.88 5.04 -16.34
O43 G3I D . 2.64 6.00 -15.58
C43 G3I D . 3.63 5.45 -14.76
C53 G3I D . 3.30 5.90 -13.22
O53 G3I D . 4.45 5.61 -12.41
C63 G3I D . 2.08 5.21 -12.47
O63 G3I D . 2.05 5.69 -11.14
C33 G3I D . 4.96 6.12 -15.29
O33 G3I D . 5.23 5.42 -16.52
C23 G3I D . 6.08 5.95 -14.26
O23 G3I D . 7.27 6.43 -14.62
C13 G3I D . 5.72 6.26 -12.76
O42 G3I D . 6.75 5.90 -11.81
C42 G3I D . 6.71 6.68 -10.67
C52 G3I D . 8.23 6.58 -10.36
O52 G3I D . 8.46 7.00 -9.06
C62 G3I D . 9.29 7.34 -11.22
O62 G3I D . 8.75 8.61 -11.51
C32 G3I D . 5.94 5.77 -9.58
O32 G3I D . 4.51 5.57 -9.76
C22 G3I D . 6.33 6.13 -8.18
O22 G3I D . 5.90 5.13 -7.28
C12 G3I D . 7.87 6.12 -8.10
O41 G3I D . 8.23 6.65 -6.85
C41 G3I D . 9.55 6.41 -6.42
C31 G3I D . 10.05 7.79 -5.85
O31 G3I D . 10.12 8.72 -6.94
C21 G3I D . 11.39 7.68 -5.03
N11 G3I D . 11.24 6.60 -3.91
C71 G3I D . 10.97 5.33 -4.70
C51 G3I D . 9.52 5.35 -5.24
C61 G3I D . 9.10 3.93 -5.57
O61 G3I D . 9.70 3.52 -6.83
O2 9MR E . 17.33 4.47 -5.57
C2 9MR E . 16.50 5.19 -6.44
C3 9MR E . 14.95 4.77 -6.40
O3 9MR E . 14.51 5.12 -5.13
C4 9MR E . 14.13 5.53 -7.39
O4 9MR E . 12.77 5.15 -7.62
C5 9MR E . 14.69 5.67 -8.82
C6 9MR E . 14.21 7.18 -9.02
O6 9MR E . 13.96 7.09 -10.33
O5 9MR E . 16.06 5.89 -8.79
C1 9MR E . 16.99 5.08 -7.92
O1 9MR E . 18.35 5.55 -7.92
C3A 9MR E . 18.94 5.37 -9.19
C4A 9MR E . 18.94 6.71 -10.10
O4A 9MR E . 17.65 7.20 -10.63
C5M 9MR E . 20.14 6.78 -11.21
N5A 9MR E . 20.94 5.44 -11.39
C1A 9MR E . 20.90 4.48 -10.27
C2A 9MR E . 20.37 4.90 -8.94
C6A 9MR E . 20.64 3.77 -7.86
O6A 9MR E . 20.15 2.49 -8.30
#